data_4PP7
#
_entry.id   4PP7
#
_cell.length_a   107.971
_cell.length_b   107.971
_cell.length_c   151.669
_cell.angle_alpha   90.00
_cell.angle_beta   90.00
_cell.angle_gamma   90.00
#
_symmetry.space_group_name_H-M   'P 41 21 2'
#
loop_
_entity.id
_entity.type
_entity.pdbx_description
1 polymer 'Serine/threonine-protein kinase B-raf'
2 non-polymer N-{2,4-difluoro-3-[methyl(3-methyl-4-oxo-3,4-dihydroquinazolin-6-yl)amino]phenyl}propane-1-sulfonamide
#
_entity_poly.entity_id   1
_entity_poly.type   'polypeptide(L)'
_entity_poly.pdbx_seq_one_letter_code
;MDRGSHHHHHHGSEDRNRMKTLGRRDSSDDWEIPDGQITVGQRIGSGSFGTVYKGKWHGDVAVKMLNVTAPTPQQLQAFK
NEVGVLRKTRHVNILLFMGYSTKPQLAIVTQWCEGSSLYHHLHIIETKFEMIKLIDIARQTAQGMDYLHAKSIIHRDLKS
NNIFLHEDLTVKIGDFGLATVKSRWSGSHQFEQLSGSILWMAPEVIRMQDKNPYSFQSDVYAFGIVLYELMTGQLPYSNI
NNRDQIIFMVGRGYLSPDLSKVRSNCPKAMKRLMAECLKKKRDERPLFPQILASIELLARSLPKIHR
;
_entity_poly.pdbx_strand_id   A,B
#
# COMPACT_ATOMS: atom_id res chain seq x y z
N ASP A 29 -10.48 -14.16 -7.79
CA ASP A 29 -9.71 -15.18 -8.55
C ASP A 29 -8.83 -14.55 -9.64
N ASP A 30 -9.35 -13.49 -10.26
CA ASP A 30 -8.65 -12.88 -11.39
C ASP A 30 -8.52 -11.36 -11.25
N TRP A 31 -7.35 -10.85 -11.62
CA TRP A 31 -7.05 -9.42 -11.55
C TRP A 31 -7.16 -8.75 -12.91
N GLU A 32 -7.69 -9.48 -13.90
CA GLU A 32 -7.91 -8.94 -15.23
C GLU A 32 -8.90 -7.80 -15.20
N ILE A 33 -8.42 -6.62 -15.55
CA ILE A 33 -9.29 -5.46 -15.67
C ILE A 33 -9.86 -5.42 -17.09
N PRO A 34 -11.18 -5.65 -17.21
CA PRO A 34 -11.86 -5.73 -18.51
C PRO A 34 -11.81 -4.44 -19.31
N ASP A 35 -11.97 -4.57 -20.63
CA ASP A 35 -11.89 -3.44 -21.58
C ASP A 35 -12.80 -2.28 -21.19
N GLY A 36 -12.30 -1.07 -21.35
CA GLY A 36 -13.09 0.14 -21.14
C GLY A 36 -13.22 0.62 -19.70
N GLN A 37 -12.77 -0.21 -18.75
CA GLN A 37 -12.77 0.17 -17.33
C GLN A 37 -11.68 1.20 -16.99
N ILE A 38 -10.51 1.04 -17.60
CA ILE A 38 -9.39 1.96 -17.39
C ILE A 38 -9.52 3.18 -18.31
N THR A 39 -9.00 4.32 -17.87
CA THR A 39 -8.98 5.52 -18.70
C THR A 39 -7.56 6.04 -18.83
N VAL A 40 -6.87 5.60 -19.89
CA VAL A 40 -5.50 6.01 -20.16
C VAL A 40 -5.45 7.50 -20.49
N GLY A 41 -4.55 8.22 -19.82
CA GLY A 41 -4.42 9.68 -19.98
C GLY A 41 -3.04 10.14 -20.42
N GLN A 42 -2.50 11.13 -19.70
CA GLN A 42 -1.23 11.79 -20.03
C GLN A 42 -0.07 10.80 -20.08
N ARG A 43 0.73 10.88 -21.15
CA ARG A 43 1.85 9.97 -21.37
C ARG A 43 3.13 10.45 -20.66
N ILE A 44 3.80 9.53 -19.98
CA ILE A 44 5.03 9.87 -19.27
C ILE A 44 6.21 8.93 -19.56
N GLY A 45 5.95 7.63 -19.60
CA GLY A 45 6.99 6.62 -19.76
C GLY A 45 7.40 6.37 -21.20
N SER A 46 8.57 5.77 -21.38
CA SER A 46 9.15 5.57 -22.70
C SER A 46 10.09 4.37 -22.76
N GLY A 47 10.87 4.28 -23.84
CA GLY A 47 11.91 3.25 -24.00
C GLY A 47 11.42 1.91 -24.49
N SER A 48 12.23 0.87 -24.27
CA SER A 48 11.86 -0.51 -24.59
C SER A 48 10.87 -1.05 -23.54
N PHE A 49 10.91 -2.35 -23.28
CA PHE A 49 9.98 -3.05 -22.35
C PHE A 49 8.49 -2.71 -22.46
N GLY A 50 8.18 -1.41 -22.53
CA GLY A 50 6.80 -0.91 -22.63
C GLY A 50 6.68 0.59 -22.46
N THR A 51 5.48 1.12 -22.68
CA THR A 51 5.19 2.56 -22.52
C THR A 51 4.29 2.78 -21.29
N VAL A 52 4.61 3.81 -20.50
CA VAL A 52 3.92 4.07 -19.24
C VAL A 52 3.04 5.33 -19.27
N TYR A 53 1.74 5.13 -19.05
CA TYR A 53 0.77 6.21 -19.01
C TYR A 53 0.18 6.39 -17.62
N LYS A 54 -0.15 7.63 -17.27
CA LYS A 54 -0.98 7.89 -16.09
C LYS A 54 -2.43 7.58 -16.46
N GLY A 55 -3.12 6.88 -15.57
CA GLY A 55 -4.48 6.43 -15.86
C GLY A 55 -5.49 6.79 -14.79
N LYS A 56 -6.69 6.26 -14.95
CA LYS A 56 -7.77 6.40 -13.97
C LYS A 56 -8.59 5.12 -13.91
N TRP A 57 -8.41 4.37 -12.82
CA TRP A 57 -9.18 3.17 -12.54
C TRP A 57 -9.28 3.06 -11.03
N HIS A 58 -10.44 3.42 -10.50
CA HIS A 58 -10.65 3.61 -9.05
C HIS A 58 -9.65 4.62 -8.49
N GLY A 59 -9.49 5.73 -9.20
CA GLY A 59 -8.54 6.77 -8.84
C GLY A 59 -7.36 6.74 -9.76
N ASP A 60 -6.43 7.66 -9.56
CA ASP A 60 -5.22 7.75 -10.37
C ASP A 60 -4.38 6.47 -10.29
N VAL A 61 -4.18 5.85 -11.45
CA VAL A 61 -3.34 4.66 -11.56
C VAL A 61 -2.17 4.89 -12.50
N ALA A 62 -1.24 3.94 -12.51
CA ALA A 62 -0.20 3.89 -13.53
C ALA A 62 -0.47 2.67 -14.40
N VAL A 63 -0.44 2.88 -15.72
CA VAL A 63 -0.62 1.80 -16.68
C VAL A 63 0.63 1.66 -17.55
N LYS A 64 1.24 0.47 -17.51
CA LYS A 64 2.41 0.17 -18.32
C LYS A 64 1.99 -0.74 -19.47
N MET A 65 1.64 -0.10 -20.58
CA MET A 65 1.25 -0.80 -21.79
C MET A 65 2.47 -1.28 -22.55
N LEU A 66 2.85 -2.54 -22.32
CA LEU A 66 3.97 -3.12 -23.05
C LEU A 66 3.58 -3.35 -24.50
N ASN A 67 3.95 -2.38 -25.35
CA ASN A 67 3.58 -2.39 -26.76
C ASN A 67 4.21 -3.57 -27.52
N VAL A 68 3.45 -4.66 -27.62
CA VAL A 68 3.88 -5.87 -28.33
C VAL A 68 2.79 -6.38 -29.27
N THR A 69 3.07 -6.31 -30.58
CA THR A 69 2.18 -6.78 -31.66
C THR A 69 0.69 -6.99 -31.25
N ALA A 70 0.23 -8.25 -31.23
CA ALA A 70 -1.11 -8.60 -30.74
C ALA A 70 -1.26 -10.11 -30.51
N PRO A 71 -0.71 -10.62 -29.39
CA PRO A 71 -0.75 -12.04 -28.99
C PRO A 71 -2.15 -12.50 -28.56
N THR A 72 -2.56 -13.78 -28.69
CA THR A 72 -1.84 -14.97 -29.22
C THR A 72 -0.81 -15.68 -28.30
N PRO A 73 -1.17 -16.85 -27.73
CA PRO A 73 -0.21 -17.65 -26.94
C PRO A 73 0.96 -18.14 -27.81
N GLN A 74 2.12 -18.51 -27.24
CA GLN A 74 2.39 -18.60 -25.80
C GLN A 74 2.17 -17.27 -25.09
N GLN A 75 2.65 -16.20 -25.72
CA GLN A 75 2.64 -14.83 -25.19
C GLN A 75 1.56 -14.49 -24.14
N LEU A 76 0.31 -14.88 -24.40
CA LEU A 76 -0.78 -14.69 -23.44
C LEU A 76 -0.46 -15.40 -22.13
N GLN A 77 -0.19 -16.71 -22.24
CA GLN A 77 0.18 -17.54 -21.09
C GLN A 77 1.49 -17.10 -20.44
N ALA A 78 2.38 -16.48 -21.24
CA ALA A 78 3.66 -15.97 -20.73
C ALA A 78 3.48 -14.69 -19.92
N PHE A 79 2.58 -13.83 -20.39
CA PHE A 79 2.24 -12.58 -19.71
C PHE A 79 1.57 -12.86 -18.39
N LYS A 80 0.58 -13.76 -18.42
CA LYS A 80 -0.16 -14.17 -17.22
C LYS A 80 0.73 -14.87 -16.19
N ASN A 81 1.79 -15.52 -16.66
CA ASN A 81 2.77 -16.15 -15.78
C ASN A 81 3.67 -15.13 -15.09
N GLU A 82 3.99 -14.05 -15.80
CA GLU A 82 4.78 -12.96 -15.23
C GLU A 82 3.95 -12.13 -14.26
N VAL A 83 2.67 -11.98 -14.57
CA VAL A 83 1.71 -11.32 -13.68
C VAL A 83 1.61 -12.07 -12.34
N GLY A 84 1.57 -13.40 -12.40
CA GLY A 84 1.52 -14.24 -11.21
C GLY A 84 2.71 -14.07 -10.28
N VAL A 85 3.81 -13.55 -10.82
CA VAL A 85 4.97 -13.19 -10.00
C VAL A 85 4.63 -11.95 -9.17
N LEU A 86 4.04 -10.94 -9.83
CA LEU A 86 3.69 -9.67 -9.17
C LEU A 86 2.69 -9.87 -8.03
N ARG A 87 1.75 -10.79 -8.22
CA ARG A 87 0.73 -11.11 -7.22
C ARG A 87 1.30 -11.61 -5.88
N LYS A 88 2.52 -12.14 -5.92
CA LYS A 88 3.18 -12.64 -4.72
C LYS A 88 3.64 -11.51 -3.79
N THR A 89 3.57 -10.28 -4.28
CA THR A 89 4.12 -9.11 -3.57
C THR A 89 3.03 -8.26 -2.91
N ARG A 90 3.17 -8.07 -1.59
CA ARG A 90 2.33 -7.16 -0.83
C ARG A 90 3.19 -6.52 0.25
N HIS A 91 3.68 -5.33 -0.02
CA HIS A 91 4.62 -4.66 0.88
C HIS A 91 4.65 -3.17 0.63
N VAL A 92 4.75 -2.38 1.69
CA VAL A 92 4.74 -0.92 1.59
C VAL A 92 5.88 -0.37 0.72
N ASN A 93 6.95 -1.14 0.57
CA ASN A 93 8.11 -0.71 -0.20
C ASN A 93 8.18 -1.29 -1.61
N ILE A 94 7.23 -2.15 -1.92
CA ILE A 94 7.11 -2.72 -3.26
C ILE A 94 5.89 -2.07 -3.92
N LEU A 95 6.09 -1.49 -5.10
CA LEU A 95 5.00 -0.88 -5.88
C LEU A 95 3.75 -1.76 -5.88
N LEU A 96 2.59 -1.14 -5.67
CA LEU A 96 1.36 -1.92 -5.50
C LEU A 96 0.77 -2.37 -6.82
N PHE A 97 0.94 -3.65 -7.14
CA PHE A 97 0.28 -4.23 -8.28
C PHE A 97 -1.22 -4.20 -8.03
N MET A 98 -1.93 -3.47 -8.89
CA MET A 98 -3.38 -3.31 -8.73
C MET A 98 -4.21 -4.20 -9.68
N GLY A 99 -3.65 -4.51 -10.84
CA GLY A 99 -4.33 -5.35 -11.82
C GLY A 99 -3.68 -5.28 -13.18
N TYR A 100 -4.00 -6.23 -14.04
CA TYR A 100 -3.45 -6.29 -15.40
C TYR A 100 -4.57 -6.22 -16.43
N SER A 101 -4.20 -5.77 -17.63
CA SER A 101 -5.14 -5.67 -18.74
C SER A 101 -4.64 -6.52 -19.90
N THR A 102 -5.54 -7.31 -20.48
CA THR A 102 -5.25 -8.06 -21.72
C THR A 102 -6.11 -7.55 -22.86
N LYS A 103 -7.34 -7.15 -22.53
CA LYS A 103 -8.35 -6.83 -23.55
C LYS A 103 -7.97 -5.72 -24.53
N PRO A 104 -7.96 -4.44 -24.09
CA PRO A 104 -7.62 -3.40 -25.08
C PRO A 104 -6.16 -3.51 -25.57
N GLN A 105 -5.39 -4.39 -24.94
CA GLN A 105 -3.97 -4.62 -25.18
C GLN A 105 -3.36 -5.18 -23.90
N LEU A 106 -2.14 -5.69 -23.97
CA LEU A 106 -1.43 -6.16 -22.78
C LEU A 106 -0.84 -5.00 -21.97
N ALA A 107 -1.11 -5.01 -20.66
CA ALA A 107 -0.68 -3.94 -19.75
C ALA A 107 -0.71 -4.35 -18.27
N ILE A 108 0.13 -3.70 -17.47
CA ILE A 108 0.11 -3.83 -16.02
C ILE A 108 -0.31 -2.50 -15.40
N VAL A 109 -1.25 -2.55 -14.47
CA VAL A 109 -1.73 -1.36 -13.78
C VAL A 109 -1.27 -1.43 -12.33
N THR A 110 -0.59 -0.37 -11.90
CA THR A 110 -0.19 -0.25 -10.52
C THR A 110 -0.70 1.06 -9.94
N GLN A 111 -0.46 1.25 -8.64
CA GLN A 111 -0.72 2.53 -7.99
C GLN A 111 0.07 3.64 -8.68
N TRP A 112 -0.47 4.86 -8.64
CA TRP A 112 0.27 6.02 -9.09
C TRP A 112 1.02 6.62 -7.90
N CYS A 113 2.28 6.98 -8.12
CA CYS A 113 3.11 7.57 -7.07
C CYS A 113 3.17 9.07 -7.21
N GLU A 114 2.96 9.78 -6.10
CA GLU A 114 3.07 11.22 -6.09
C GLU A 114 4.51 11.61 -5.78
N GLY A 115 5.08 12.49 -6.60
CA GLY A 115 6.50 12.83 -6.48
C GLY A 115 7.33 12.16 -7.56
N SER A 116 8.65 12.30 -7.47
CA SER A 116 9.55 11.81 -8.51
C SER A 116 10.31 10.54 -8.10
N SER A 117 11.05 9.97 -9.05
CA SER A 117 11.93 8.84 -8.76
C SER A 117 13.24 9.33 -8.13
N LEU A 118 13.95 8.41 -7.48
CA LEU A 118 15.21 8.69 -6.79
C LEU A 118 16.27 9.25 -7.73
N TYR A 119 16.34 8.68 -8.93
CA TYR A 119 17.23 9.14 -9.99
C TYR A 119 16.93 10.59 -10.34
N HIS A 120 15.65 10.93 -10.44
CA HIS A 120 15.23 12.29 -10.77
C HIS A 120 15.58 13.24 -9.63
N HIS A 121 15.31 12.82 -8.39
CA HIS A 121 15.62 13.64 -7.21
C HIS A 121 17.11 13.94 -7.11
N LEU A 122 17.93 12.89 -7.26
CA LEU A 122 19.37 13.00 -7.11
C LEU A 122 20.06 13.68 -8.29
N HIS A 123 19.74 13.24 -9.50
CA HIS A 123 20.52 13.62 -10.68
C HIS A 123 19.85 14.60 -11.65
N ILE A 124 18.58 14.94 -11.42
CA ILE A 124 17.93 15.95 -12.26
C ILE A 124 17.55 17.19 -11.44
N ILE A 125 16.53 17.09 -10.61
CA ILE A 125 16.15 18.24 -9.79
C ILE A 125 17.17 18.58 -8.71
N GLU A 126 18.16 17.70 -8.54
CA GLU A 126 19.32 17.96 -7.67
C GLU A 126 18.96 18.10 -6.19
N THR A 127 17.85 17.47 -5.79
CA THR A 127 17.34 17.57 -4.42
C THR A 127 18.39 17.16 -3.40
N LYS A 128 18.68 18.05 -2.45
CA LYS A 128 19.65 17.75 -1.41
C LYS A 128 18.93 17.20 -0.19
N PHE A 129 19.09 15.91 0.07
CA PHE A 129 18.46 15.25 1.21
C PHE A 129 19.28 15.37 2.47
N GLU A 130 18.59 15.51 3.60
CA GLU A 130 19.23 15.46 4.91
C GLU A 130 19.80 14.06 5.10
N MET A 131 20.93 13.97 5.80
CA MET A 131 21.65 12.70 5.95
C MET A 131 20.78 11.58 6.53
N ILE A 132 19.87 11.94 7.44
CA ILE A 132 18.98 10.96 8.08
C ILE A 132 17.98 10.41 7.05
N LYS A 133 17.54 11.28 6.15
CA LYS A 133 16.60 10.92 5.10
C LYS A 133 17.28 10.01 4.08
N LEU A 134 18.52 10.33 3.71
CA LEU A 134 19.31 9.51 2.79
C LEU A 134 19.47 8.10 3.33
N ILE A 135 19.85 8.00 4.60
CA ILE A 135 19.96 6.70 5.28
C ILE A 135 18.61 5.98 5.27
N ASP A 136 17.53 6.74 5.43
CA ASP A 136 16.19 6.16 5.44
C ASP A 136 15.77 5.57 4.08
N ILE A 137 15.97 6.34 3.01
CA ILE A 137 15.72 5.83 1.66
C ILE A 137 16.44 4.50 1.48
N ALA A 138 17.72 4.48 1.86
CA ALA A 138 18.55 3.28 1.81
C ALA A 138 17.92 2.15 2.60
N ARG A 139 17.58 2.44 3.86
CA ARG A 139 16.97 1.47 4.75
C ARG A 139 15.74 0.85 4.11
N GLN A 140 14.89 1.70 3.53
CA GLN A 140 13.63 1.29 2.94
C GLN A 140 13.79 0.43 1.70
N THR A 141 14.70 0.86 0.82
CA THR A 141 14.97 0.10 -0.39
C THR A 141 15.48 -1.29 -0.03
N ALA A 142 16.41 -1.34 0.92
CA ALA A 142 16.94 -2.60 1.43
C ALA A 142 15.81 -3.45 2.02
N GLN A 143 14.89 -2.78 2.70
CA GLN A 143 13.71 -3.41 3.26
C GLN A 143 12.89 -4.07 2.16
N GLY A 144 12.53 -3.28 1.14
CA GLY A 144 11.74 -3.78 0.01
C GLY A 144 12.41 -4.94 -0.68
N MET A 145 13.73 -4.84 -0.81
CA MET A 145 14.54 -5.89 -1.44
C MET A 145 14.55 -7.18 -0.63
N ASP A 146 14.75 -7.05 0.68
CA ASP A 146 14.70 -8.18 1.59
C ASP A 146 13.41 -8.99 1.39
N TYR A 147 12.30 -8.27 1.24
CA TYR A 147 10.99 -8.88 0.99
C TYR A 147 10.96 -9.71 -0.30
N LEU A 148 11.35 -9.08 -1.41
CA LEU A 148 11.38 -9.74 -2.72
C LEU A 148 12.20 -11.03 -2.69
N HIS A 149 13.38 -10.93 -2.08
CA HIS A 149 14.29 -12.07 -1.95
C HIS A 149 13.66 -13.19 -1.12
N ALA A 150 12.91 -12.80 -0.09
CA ALA A 150 12.19 -13.77 0.73
C ALA A 150 11.10 -14.45 -0.09
N LYS A 151 10.40 -13.68 -0.91
CA LYS A 151 9.36 -14.24 -1.76
C LYS A 151 9.96 -14.82 -3.06
N SER A 152 11.26 -15.11 -3.02
CA SER A 152 12.01 -15.73 -4.12
C SER A 152 11.94 -14.96 -5.44
N ILE A 153 12.02 -13.64 -5.36
CA ILE A 153 11.98 -12.77 -6.53
C ILE A 153 13.29 -12.04 -6.65
N ILE A 154 13.99 -12.24 -7.76
CA ILE A 154 15.19 -11.48 -8.06
C ILE A 154 14.78 -10.30 -8.94
N HIS A 155 15.10 -9.09 -8.49
CA HIS A 155 14.67 -7.90 -9.23
C HIS A 155 15.25 -7.87 -10.65
N ARG A 156 16.55 -8.11 -10.76
CA ARG A 156 17.26 -8.13 -12.04
C ARG A 156 17.50 -6.74 -12.67
N ASP A 157 17.06 -5.69 -11.99
CA ASP A 157 17.26 -4.34 -12.50
C ASP A 157 17.01 -3.28 -11.42
N LEU A 158 17.73 -3.36 -10.32
CA LEU A 158 17.62 -2.33 -9.31
C LEU A 158 18.47 -1.16 -9.75
N LYS A 159 17.81 0.00 -9.89
CA LYS A 159 18.50 1.26 -10.14
C LYS A 159 17.63 2.40 -9.63
N SER A 160 18.23 3.56 -9.38
CA SER A 160 17.51 4.70 -8.83
C SER A 160 16.32 5.14 -9.67
N ASN A 161 16.33 4.81 -10.96
CA ASN A 161 15.20 5.11 -11.85
C ASN A 161 13.97 4.33 -11.42
N ASN A 162 14.21 3.14 -10.85
CA ASN A 162 13.16 2.21 -10.46
C ASN A 162 12.77 2.31 -8.98
N ILE A 163 13.41 3.23 -8.26
CA ILE A 163 13.09 3.47 -6.86
C ILE A 163 12.30 4.78 -6.78
N PHE A 164 10.99 4.67 -6.57
CA PHE A 164 10.09 5.83 -6.58
C PHE A 164 9.89 6.37 -5.18
N LEU A 165 9.92 7.69 -5.05
CA LEU A 165 9.83 8.34 -3.76
C LEU A 165 8.45 8.95 -3.57
N HIS A 166 7.54 8.11 -3.08
CA HIS A 166 6.12 8.44 -2.95
C HIS A 166 5.87 9.45 -1.83
N GLU A 167 5.07 10.47 -2.15
CA GLU A 167 4.79 11.62 -1.28
C GLU A 167 6.08 12.20 -0.67
N ASP A 168 7.20 11.94 -1.33
CA ASP A 168 8.54 12.31 -0.87
C ASP A 168 8.88 11.74 0.52
N LEU A 169 8.30 10.57 0.85
CA LEU A 169 8.49 9.96 2.17
C LEU A 169 8.54 8.42 2.17
N THR A 170 7.95 7.79 1.16
CA THR A 170 7.93 6.33 1.11
C THR A 170 8.62 5.82 -0.14
N VAL A 171 9.46 4.80 0.04
CA VAL A 171 10.19 4.18 -1.06
C VAL A 171 9.37 3.06 -1.67
N LYS A 172 9.20 3.13 -2.99
CA LYS A 172 8.48 2.11 -3.75
C LYS A 172 9.39 1.58 -4.85
N ILE A 173 9.62 0.27 -4.85
CA ILE A 173 10.48 -0.38 -5.83
C ILE A 173 9.61 -0.97 -6.94
N GLY A 174 10.04 -0.76 -8.19
CA GLY A 174 9.29 -1.24 -9.35
C GLY A 174 10.14 -1.72 -10.51
N ASP A 175 9.48 -2.15 -11.59
CA ASP A 175 10.12 -2.69 -12.80
C ASP A 175 10.77 -4.06 -12.64
N PHE A 176 10.49 -4.74 -11.53
CA PHE A 176 11.01 -6.08 -11.32
C PHE A 176 10.21 -7.12 -12.09
N GLY A 177 8.99 -6.76 -12.48
CA GLY A 177 8.12 -7.65 -13.24
C GLY A 177 8.65 -7.98 -14.63
N LEU A 178 8.08 -9.04 -15.20
CA LEU A 178 8.45 -9.55 -16.52
C LEU A 178 9.83 -10.23 -16.50
N ALA A 179 10.78 -9.75 -17.30
CA ALA A 179 12.12 -10.36 -17.42
C ALA A 179 12.15 -11.72 -18.16
N THR A 180 11.05 -12.48 -18.07
CA THR A 180 10.85 -13.66 -18.93
C THR A 180 10.30 -13.18 -20.27
N VAL A 181 9.47 -12.14 -20.21
CA VAL A 181 9.06 -11.39 -21.40
C VAL A 181 10.27 -10.76 -22.08
N LYS A 182 11.22 -10.28 -21.27
CA LYS A 182 12.50 -9.74 -21.76
C LYS A 182 13.37 -10.76 -22.51
N SER A 183 13.27 -12.03 -22.12
CA SER A 183 14.08 -13.12 -22.72
C SER A 183 13.37 -13.87 -23.85
N ARG A 184 12.09 -14.18 -23.66
CA ARG A 184 11.32 -14.97 -24.62
C ARG A 184 10.92 -14.17 -25.87
N TRP A 185 10.81 -12.85 -25.75
CA TRP A 185 10.68 -11.96 -26.91
C TRP A 185 11.71 -10.83 -26.88
N SER A 186 12.92 -11.12 -27.34
CA SER A 186 13.99 -10.12 -27.43
C SER A 186 14.66 -10.15 -28.80
N LEU A 194 19.09 -3.91 -21.98
CA LEU A 194 20.42 -4.51 -22.00
C LEU A 194 21.46 -3.47 -22.49
N SER A 195 21.16 -2.19 -22.26
CA SER A 195 22.01 -1.09 -22.72
C SER A 195 21.73 0.23 -21.99
N GLY A 196 21.45 0.17 -20.69
CA GLY A 196 21.13 1.38 -19.95
C GLY A 196 21.26 1.29 -18.44
N SER A 197 21.49 0.08 -17.94
CA SER A 197 21.64 -0.15 -16.51
C SER A 197 23.08 -0.52 -16.16
N ILE A 198 23.96 -0.32 -17.13
CA ILE A 198 25.40 -0.62 -17.01
C ILE A 198 25.95 -0.30 -15.63
N LEU A 199 25.66 0.91 -15.15
CA LEU A 199 26.23 1.42 -13.92
C LEU A 199 25.88 0.60 -12.68
N TRP A 200 24.73 -0.06 -12.71
CA TRP A 200 24.27 -0.86 -11.58
C TRP A 200 24.65 -2.32 -11.70
N MET A 201 25.07 -2.71 -12.90
CA MET A 201 25.41 -4.12 -13.16
C MET A 201 26.70 -4.52 -12.47
N ALA A 202 26.60 -5.61 -11.72
CA ALA A 202 27.74 -6.24 -11.05
C ALA A 202 28.67 -6.86 -12.08
N PRO A 203 29.95 -7.07 -11.72
CA PRO A 203 30.90 -7.66 -12.66
C PRO A 203 30.31 -8.85 -13.42
N GLU A 204 29.89 -9.89 -12.71
CA GLU A 204 29.43 -11.15 -13.32
C GLU A 204 28.29 -10.94 -14.29
N VAL A 205 27.50 -9.89 -14.05
CA VAL A 205 26.42 -9.52 -14.96
C VAL A 205 26.96 -8.79 -16.20
N ILE A 206 27.77 -7.76 -15.98
CA ILE A 206 28.35 -6.93 -17.05
C ILE A 206 28.90 -7.81 -18.17
N ARG A 207 29.88 -8.65 -17.84
CA ARG A 207 30.40 -9.63 -18.78
C ARG A 207 29.35 -10.71 -18.98
N MET A 208 28.59 -10.64 -20.06
CA MET A 208 27.56 -11.63 -20.31
C MET A 208 28.19 -13.02 -20.48
N GLN A 209 28.39 -13.70 -19.36
CA GLN A 209 29.14 -14.95 -19.29
C GLN A 209 28.22 -16.18 -19.28
N ASP A 210 28.10 -16.86 -18.14
CA ASP A 210 27.21 -18.02 -17.99
C ASP A 210 25.74 -17.63 -18.15
N LYS A 211 24.95 -18.56 -18.70
CA LYS A 211 23.58 -18.28 -19.16
C LYS A 211 22.74 -17.42 -18.21
N ASN A 212 22.81 -17.72 -16.91
CA ASN A 212 22.03 -17.01 -15.89
C ASN A 212 22.92 -16.40 -14.78
N PRO A 213 23.36 -15.15 -14.97
CA PRO A 213 24.24 -14.45 -14.03
C PRO A 213 23.49 -13.84 -12.83
N TYR A 214 22.18 -13.71 -12.96
CA TYR A 214 21.36 -13.01 -11.97
C TYR A 214 21.21 -13.81 -10.69
N SER A 215 21.47 -13.15 -9.57
CA SER A 215 21.39 -13.78 -8.26
C SER A 215 20.85 -12.80 -7.25
N PHE A 216 20.76 -13.24 -6.00
CA PHE A 216 20.48 -12.34 -4.89
C PHE A 216 21.59 -11.32 -4.76
N GLN A 217 22.84 -11.80 -4.82
CA GLN A 217 24.01 -10.95 -4.70
C GLN A 217 24.15 -9.95 -5.84
N SER A 218 23.64 -10.32 -7.01
CA SER A 218 23.62 -9.41 -8.16
C SER A 218 22.80 -8.15 -7.83
N ASP A 219 21.68 -8.36 -7.16
CA ASP A 219 20.82 -7.27 -6.70
C ASP A 219 21.50 -6.41 -5.64
N VAL A 220 22.30 -7.07 -4.79
CA VAL A 220 23.04 -6.39 -3.73
C VAL A 220 24.06 -5.37 -4.27
N TYR A 221 24.84 -5.76 -5.28
CA TYR A 221 25.77 -4.84 -5.91
C TYR A 221 25.01 -3.64 -6.46
N ALA A 222 23.90 -3.90 -7.13
CA ALA A 222 23.02 -2.85 -7.65
C ALA A 222 22.59 -1.92 -6.53
N PHE A 223 22.30 -2.50 -5.36
CA PHE A 223 21.98 -1.74 -4.17
C PHE A 223 23.19 -0.90 -3.71
N GLY A 224 24.38 -1.50 -3.80
CA GLY A 224 25.63 -0.79 -3.48
C GLY A 224 25.77 0.45 -4.34
N ILE A 225 25.38 0.33 -5.61
CA ILE A 225 25.44 1.46 -6.53
C ILE A 225 24.45 2.55 -6.13
N VAL A 226 23.20 2.17 -5.83
CA VAL A 226 22.22 3.18 -5.36
C VAL A 226 22.64 3.78 -4.01
N LEU A 227 23.36 3.01 -3.20
CA LEU A 227 23.93 3.53 -1.96
C LEU A 227 24.95 4.60 -2.29
N TYR A 228 25.80 4.30 -3.28
CA TYR A 228 26.79 5.24 -3.76
C TYR A 228 26.11 6.49 -4.28
N GLU A 229 25.02 6.31 -5.04
CA GLU A 229 24.23 7.44 -5.54
C GLU A 229 23.76 8.32 -4.40
N LEU A 230 23.20 7.70 -3.37
CA LEU A 230 22.70 8.41 -2.20
C LEU A 230 23.81 9.16 -1.50
N MET A 231 24.89 8.44 -1.17
CA MET A 231 25.96 8.96 -0.33
C MET A 231 26.88 9.96 -1.05
N THR A 232 26.81 10.00 -2.38
CA THR A 232 27.66 10.91 -3.15
C THR A 232 26.83 11.87 -4.00
N GLY A 233 25.55 11.56 -4.16
CA GLY A 233 24.68 12.33 -5.03
C GLY A 233 25.19 12.34 -6.47
N GLN A 234 25.83 11.24 -6.87
CA GLN A 234 26.46 11.16 -8.18
C GLN A 234 26.35 9.77 -8.80
N LEU A 235 26.30 9.72 -10.12
CA LEU A 235 26.49 8.45 -10.82
C LEU A 235 27.98 8.10 -10.79
N PRO A 236 28.30 6.80 -10.78
CA PRO A 236 29.70 6.41 -10.79
C PRO A 236 30.37 6.63 -12.15
N TYR A 237 31.71 6.67 -12.14
CA TYR A 237 32.53 6.69 -13.35
C TYR A 237 32.31 7.88 -14.27
N SER A 238 31.84 8.99 -13.70
CA SER A 238 31.58 10.24 -14.43
C SER A 238 32.80 10.79 -15.18
N ASN A 239 34.00 10.32 -14.81
CA ASN A 239 35.25 10.79 -15.39
C ASN A 239 35.82 9.86 -16.48
N ILE A 240 35.00 8.90 -16.90
CA ILE A 240 35.27 8.10 -18.10
C ILE A 240 34.19 8.40 -19.14
N ASN A 241 34.60 8.72 -20.36
CA ASN A 241 33.66 9.09 -21.41
C ASN A 241 33.39 7.96 -22.40
N ASN A 242 33.98 6.79 -22.14
CA ASN A 242 33.85 5.65 -23.04
C ASN A 242 33.09 4.49 -22.37
N ARG A 243 31.83 4.30 -22.76
CA ARG A 243 30.96 3.29 -22.15
C ARG A 243 31.49 1.87 -22.23
N ASP A 244 32.06 1.50 -23.37
CA ASP A 244 32.62 0.17 -23.57
C ASP A 244 33.75 -0.09 -22.59
N GLN A 245 34.58 0.93 -22.35
CA GLN A 245 35.65 0.84 -21.38
C GLN A 245 35.14 0.54 -19.98
N ILE A 246 34.06 1.21 -19.58
CA ILE A 246 33.41 0.93 -18.30
C ILE A 246 33.08 -0.56 -18.28
N ILE A 247 32.34 -0.99 -19.31
CA ILE A 247 31.89 -2.37 -19.45
C ILE A 247 33.03 -3.36 -19.29
N PHE A 248 34.11 -3.16 -20.06
CA PHE A 248 35.26 -4.06 -20.01
C PHE A 248 35.89 -4.12 -18.63
N MET A 249 36.09 -2.96 -18.02
CA MET A 249 36.83 -2.87 -16.77
C MET A 249 36.04 -3.35 -15.56
N VAL A 250 34.79 -2.88 -15.46
CA VAL A 250 33.90 -3.32 -14.38
C VAL A 250 33.80 -4.84 -14.39
N GLY A 251 33.53 -5.39 -15.57
CA GLY A 251 33.40 -6.82 -15.77
C GLY A 251 34.65 -7.62 -15.46
N ARG A 252 35.81 -7.00 -15.63
CA ARG A 252 37.07 -7.67 -15.34
C ARG A 252 37.62 -7.17 -14.00
N GLY A 253 36.83 -6.32 -13.34
CA GLY A 253 37.12 -5.85 -11.99
C GLY A 253 38.32 -4.92 -11.85
N TYR A 254 38.69 -4.25 -12.94
CA TYR A 254 39.81 -3.30 -12.91
C TYR A 254 39.37 -1.94 -12.41
N LEU A 255 38.06 -1.67 -12.54
CA LEU A 255 37.48 -0.40 -12.18
C LEU A 255 36.24 -0.63 -11.34
N SER A 256 36.17 0.04 -10.19
CA SER A 256 34.99 -0.01 -9.32
C SER A 256 34.67 1.40 -8.80
N PRO A 257 33.48 1.58 -8.19
CA PRO A 257 33.06 2.91 -7.71
C PRO A 257 34.07 3.54 -6.75
N ASP A 258 34.22 4.86 -6.82
CA ASP A 258 35.18 5.58 -6.01
C ASP A 258 34.60 5.97 -4.66
N LEU A 259 34.83 5.12 -3.66
CA LEU A 259 34.20 5.28 -2.34
C LEU A 259 34.63 6.52 -1.57
N SER A 260 35.73 7.15 -2.00
CA SER A 260 36.28 8.31 -1.31
C SER A 260 35.42 9.57 -1.48
N LYS A 261 34.56 9.54 -2.49
CA LYS A 261 33.73 10.69 -2.85
C LYS A 261 32.54 10.92 -1.92
N VAL A 262 32.25 9.96 -1.03
CA VAL A 262 31.18 10.11 -0.06
C VAL A 262 31.45 11.37 0.78
N ARG A 263 30.41 12.18 0.99
CA ARG A 263 30.53 13.42 1.76
C ARG A 263 31.05 13.16 3.18
N SER A 264 31.89 14.08 3.68
CA SER A 264 32.62 13.86 4.94
C SER A 264 31.76 13.81 6.21
N ASN A 265 30.45 14.04 6.07
CA ASN A 265 29.50 13.84 7.16
C ASN A 265 28.81 12.47 7.11
N CYS A 266 29.33 11.60 6.24
CA CYS A 266 28.86 10.23 6.11
C CYS A 266 29.35 9.38 7.28
N PRO A 267 28.47 8.51 7.84
CA PRO A 267 28.90 7.63 8.93
C PRO A 267 30.11 6.78 8.53
N LYS A 268 31.00 6.57 9.49
CA LYS A 268 32.26 5.86 9.26
C LYS A 268 32.02 4.42 8.76
N ALA A 269 30.88 3.84 9.17
CA ALA A 269 30.55 2.45 8.87
C ALA A 269 29.63 2.27 7.65
N MET A 270 29.12 3.37 7.10
CA MET A 270 28.34 3.34 5.86
C MET A 270 29.24 3.06 4.67
N LYS A 271 30.44 3.64 4.71
CA LYS A 271 31.46 3.40 3.71
C LYS A 271 31.81 1.91 3.62
N ARG A 272 31.87 1.22 4.75
CA ARG A 272 32.23 -0.21 4.76
C ARG A 272 31.10 -1.10 4.26
N LEU A 273 29.86 -0.78 4.62
CA LEU A 273 28.71 -1.52 4.12
C LEU A 273 28.62 -1.41 2.61
N MET A 274 28.86 -0.20 2.11
CA MET A 274 28.87 0.07 0.68
C MET A 274 29.91 -0.81 -0.01
N ALA A 275 31.12 -0.85 0.57
CA ALA A 275 32.22 -1.65 0.06
C ALA A 275 31.90 -3.14 0.08
N GLU A 276 31.17 -3.57 1.10
CA GLU A 276 30.72 -4.95 1.23
C GLU A 276 29.76 -5.34 0.11
N CYS A 277 28.83 -4.44 -0.19
CA CYS A 277 27.83 -4.68 -1.22
C CYS A 277 28.44 -4.68 -2.60
N LEU A 278 29.56 -3.97 -2.76
CA LEU A 278 30.18 -3.80 -4.06
C LEU A 278 31.35 -4.76 -4.32
N LYS A 279 31.53 -5.74 -3.45
CA LYS A 279 32.59 -6.74 -3.62
C LYS A 279 32.61 -7.30 -5.04
N LYS A 280 33.80 -7.51 -5.58
CA LYS A 280 33.95 -7.95 -6.97
C LYS A 280 33.50 -9.38 -7.17
N LYS A 281 33.87 -10.26 -6.24
CA LYS A 281 33.36 -11.64 -6.22
C LYS A 281 32.00 -11.66 -5.54
N ARG A 282 31.02 -12.26 -6.20
CA ARG A 282 29.64 -12.28 -5.69
C ARG A 282 29.48 -13.06 -4.38
N ASP A 283 30.37 -14.02 -4.15
CA ASP A 283 30.34 -14.82 -2.92
C ASP A 283 30.61 -13.98 -1.68
N GLU A 284 31.33 -12.88 -1.86
CA GLU A 284 31.75 -12.03 -0.75
C GLU A 284 30.72 -10.96 -0.35
N ARG A 285 29.57 -10.95 -1.03
CA ARG A 285 28.54 -9.93 -0.78
C ARG A 285 27.58 -10.37 0.33
N PRO A 286 27.10 -9.41 1.15
CA PRO A 286 26.07 -9.74 2.14
C PRO A 286 24.71 -9.99 1.50
N LEU A 287 23.80 -10.62 2.23
CA LEU A 287 22.40 -10.66 1.83
C LEU A 287 21.62 -9.61 2.62
N PHE A 288 20.43 -9.26 2.12
CA PHE A 288 19.67 -8.16 2.68
C PHE A 288 19.30 -8.24 4.17
N PRO A 289 19.00 -9.44 4.70
CA PRO A 289 18.82 -9.52 6.16
C PRO A 289 20.01 -8.92 6.91
N GLN A 290 21.21 -9.24 6.46
CA GLN A 290 22.43 -8.74 7.06
C GLN A 290 22.64 -7.24 6.75
N ILE A 291 22.46 -6.87 5.49
CA ILE A 291 22.54 -5.48 5.03
C ILE A 291 21.61 -4.59 5.85
N LEU A 292 20.37 -5.04 5.97
CA LEU A 292 19.32 -4.32 6.67
C LEU A 292 19.72 -4.04 8.13
N ALA A 293 20.25 -5.06 8.80
CA ALA A 293 20.71 -4.97 10.18
C ALA A 293 21.80 -3.91 10.38
N SER A 294 22.66 -3.75 9.38
CA SER A 294 23.75 -2.80 9.44
C SER A 294 23.27 -1.36 9.32
N ILE A 295 22.22 -1.16 8.53
CA ILE A 295 21.65 0.18 8.33
C ILE A 295 20.91 0.64 9.60
N GLU A 296 20.10 -0.25 10.15
CA GLU A 296 19.39 0.05 11.40
C GLU A 296 20.35 0.23 12.57
N LEU A 297 21.48 -0.49 12.53
CA LEU A 297 22.51 -0.34 13.54
C LEU A 297 23.18 1.05 13.44
N LEU A 298 23.53 1.46 12.23
CA LEU A 298 24.12 2.78 12.04
C LEU A 298 23.08 3.90 12.09
N ALA A 299 21.80 3.53 11.99
CA ALA A 299 20.69 4.48 12.13
C ALA A 299 20.58 4.99 13.56
N ARG A 300 20.83 4.09 14.52
CA ARG A 300 20.85 4.43 15.94
C ARG A 300 22.22 4.95 16.35
N SER A 301 22.73 5.92 15.60
CA SER A 301 24.04 6.51 15.83
C SER A 301 24.07 8.00 15.46
N LEU A 302 23.01 8.46 14.81
CA LEU A 302 22.85 9.86 14.46
C LEU A 302 22.34 10.67 15.66
N ASP B 29 -0.26 -19.01 -4.50
CA ASP B 29 -1.64 -18.73 -4.04
C ASP B 29 -1.79 -18.95 -2.53
N ASP B 30 -0.66 -18.97 -1.82
CA ASP B 30 -0.66 -19.12 -0.37
C ASP B 30 0.16 -18.04 0.35
N TRP B 31 -0.48 -17.40 1.33
CA TRP B 31 0.09 -16.25 2.03
C TRP B 31 0.41 -16.53 3.49
N GLU B 32 0.22 -17.79 3.90
CA GLU B 32 0.42 -18.17 5.29
C GLU B 32 1.85 -17.93 5.74
N ILE B 33 2.01 -17.12 6.78
CA ILE B 33 3.32 -16.90 7.38
C ILE B 33 3.63 -18.02 8.38
N PRO B 34 4.73 -18.77 8.11
CA PRO B 34 5.21 -19.82 9.01
C PRO B 34 5.55 -19.29 10.40
N ASP B 35 5.62 -20.21 11.36
CA ASP B 35 5.78 -19.85 12.77
C ASP B 35 7.10 -19.12 13.03
N GLY B 36 7.11 -18.30 14.06
CA GLY B 36 8.33 -17.66 14.56
C GLY B 36 8.94 -16.59 13.68
N GLN B 37 8.37 -16.40 12.49
CA GLN B 37 8.84 -15.37 11.57
C GLN B 37 8.45 -13.98 12.04
N ILE B 38 7.27 -13.89 12.67
CA ILE B 38 6.75 -12.61 13.15
C ILE B 38 7.18 -12.33 14.59
N THR B 39 7.87 -11.20 14.78
CA THR B 39 8.13 -10.67 16.11
C THR B 39 6.90 -9.87 16.52
N VAL B 40 6.37 -10.17 17.70
CA VAL B 40 5.20 -9.46 18.22
C VAL B 40 5.64 -8.49 19.32
N GLY B 41 5.19 -7.23 19.20
CA GLY B 41 5.58 -6.19 20.14
C GLY B 41 4.43 -5.67 20.97
N GLN B 42 4.31 -4.33 21.02
CA GLN B 42 3.35 -3.65 21.90
C GLN B 42 1.88 -3.87 21.53
N ARG B 43 1.06 -4.05 22.57
CA ARG B 43 -0.39 -4.06 22.47
C ARG B 43 -0.87 -2.67 22.07
N ILE B 44 -1.74 -2.61 21.06
CA ILE B 44 -2.26 -1.35 20.57
C ILE B 44 -3.69 -1.11 21.06
N GLY B 45 -4.46 -2.20 21.10
CA GLY B 45 -5.84 -2.14 21.57
C GLY B 45 -6.45 -3.52 21.65
N SER B 46 -6.41 -4.11 22.84
CA SER B 46 -7.05 -5.41 23.08
C SER B 46 -8.56 -5.28 23.15
N GLY B 47 -9.24 -6.33 22.74
CA GLY B 47 -10.69 -6.42 22.83
C GLY B 47 -11.10 -7.89 22.84
N SER B 48 -12.37 -8.14 23.13
CA SER B 48 -12.91 -9.48 23.00
C SER B 48 -12.87 -9.86 21.53
N PHE B 49 -12.42 -11.09 21.26
CA PHE B 49 -12.23 -11.62 19.89
C PHE B 49 -10.83 -11.40 19.36
N GLY B 50 -10.42 -10.14 19.21
CA GLY B 50 -9.13 -9.81 18.64
C GLY B 50 -8.24 -8.95 19.51
N THR B 51 -6.94 -9.22 19.46
CA THR B 51 -5.94 -8.37 20.10
C THR B 51 -4.92 -7.87 19.06
N VAL B 52 -4.92 -6.57 18.83
CA VAL B 52 -4.05 -5.96 17.82
C VAL B 52 -2.71 -5.57 18.45
N TYR B 53 -1.63 -5.99 17.79
CA TYR B 53 -0.26 -5.67 18.20
C TYR B 53 0.52 -4.99 17.08
N LYS B 54 1.48 -4.15 17.46
CA LYS B 54 2.53 -3.74 16.54
C LYS B 54 3.59 -4.84 16.54
N GLY B 55 4.11 -5.17 15.37
CA GLY B 55 5.10 -6.23 15.25
C GLY B 55 6.10 -6.01 14.14
N LYS B 56 6.97 -7.00 13.93
CA LYS B 56 7.93 -6.97 12.84
C LYS B 56 7.85 -8.25 12.03
N TRP B 57 7.73 -8.08 10.71
CA TRP B 57 7.83 -9.15 9.72
C TRP B 57 8.13 -8.47 8.40
N HIS B 58 9.41 -8.44 8.03
CA HIS B 58 9.90 -7.64 6.89
C HIS B 58 9.56 -6.16 7.06
N GLY B 59 9.69 -5.69 8.29
CA GLY B 59 9.39 -4.31 8.63
C GLY B 59 8.18 -4.18 9.54
N ASP B 60 7.83 -2.93 9.85
CA ASP B 60 6.69 -2.62 10.70
C ASP B 60 5.39 -3.21 10.17
N VAL B 61 4.79 -4.09 10.97
CA VAL B 61 3.49 -4.67 10.64
C VAL B 61 2.50 -4.55 11.78
N ALA B 62 1.22 -4.65 11.45
CA ALA B 62 0.16 -4.78 12.44
C ALA B 62 -0.29 -6.23 12.44
N VAL B 63 -0.39 -6.82 13.62
CA VAL B 63 -0.82 -8.21 13.75
C VAL B 63 -2.06 -8.33 14.63
N LYS B 64 -3.15 -8.79 14.03
CA LYS B 64 -4.39 -9.04 14.75
C LYS B 64 -4.47 -10.50 15.15
N MET B 65 -4.08 -10.79 16.40
CA MET B 65 -4.20 -12.12 16.99
C MET B 65 -5.67 -12.39 17.26
N LEU B 66 -6.11 -13.63 17.04
CA LEU B 66 -7.54 -13.92 17.00
C LEU B 66 -8.09 -14.67 18.22
N ASN B 67 -7.25 -14.91 19.22
CA ASN B 67 -7.64 -15.62 20.46
C ASN B 67 -8.18 -17.04 20.23
N VAL B 68 -9.51 -17.16 20.27
CA VAL B 68 -10.25 -18.42 20.03
C VAL B 68 -9.68 -19.72 20.63
N THR B 69 -8.80 -19.60 21.62
CA THR B 69 -8.11 -20.75 22.25
C THR B 69 -7.72 -21.87 21.26
N ALA B 70 -7.38 -21.47 20.03
CA ALA B 70 -7.00 -22.37 18.93
C ALA B 70 -8.10 -23.33 18.40
N PRO B 71 -8.35 -23.29 17.07
CA PRO B 71 -9.18 -24.28 16.38
C PRO B 71 -8.43 -25.61 16.33
N THR B 72 -9.11 -26.76 16.32
CA THR B 72 -10.57 -26.96 16.25
C THR B 72 -11.23 -26.62 14.89
N PRO B 73 -10.85 -27.37 13.83
CA PRO B 73 -11.47 -27.21 12.51
C PRO B 73 -12.94 -27.66 12.54
N GLN B 74 -13.71 -27.37 11.50
CA GLN B 74 -13.24 -26.69 10.30
C GLN B 74 -13.44 -25.18 10.42
N GLN B 75 -13.06 -24.64 11.57
CA GLN B 75 -12.95 -23.19 11.77
C GLN B 75 -11.75 -22.68 11.01
N LEU B 76 -10.66 -23.46 11.06
CA LEU B 76 -9.44 -23.19 10.30
C LEU B 76 -9.78 -23.01 8.82
N GLN B 77 -10.75 -23.80 8.35
CA GLN B 77 -11.22 -23.73 6.98
C GLN B 77 -11.97 -22.41 6.71
N ALA B 78 -12.84 -22.05 7.65
CA ALA B 78 -13.59 -20.80 7.55
C ALA B 78 -12.64 -19.59 7.58
N PHE B 79 -11.69 -19.61 8.51
CA PHE B 79 -10.70 -18.53 8.66
C PHE B 79 -9.92 -18.31 7.37
N LYS B 80 -9.49 -19.39 6.74
CA LYS B 80 -8.76 -19.31 5.49
C LYS B 80 -9.60 -18.63 4.41
N ASN B 81 -10.89 -18.93 4.38
CA ASN B 81 -11.77 -18.32 3.40
C ASN B 81 -11.88 -16.81 3.60
N GLU B 82 -11.83 -16.38 4.85
CA GLU B 82 -11.89 -14.96 5.20
C GLU B 82 -10.68 -14.22 4.66
N VAL B 83 -9.52 -14.88 4.71
CA VAL B 83 -8.30 -14.37 4.11
C VAL B 83 -8.48 -14.20 2.61
N GLY B 84 -9.24 -15.11 1.99
CA GLY B 84 -9.58 -15.03 0.58
C GLY B 84 -10.29 -13.74 0.21
N VAL B 85 -11.22 -13.33 1.06
CA VAL B 85 -11.93 -12.05 0.87
C VAL B 85 -10.93 -10.89 0.96
N LEU B 86 -10.04 -10.96 1.95
CA LEU B 86 -8.99 -9.95 2.14
C LEU B 86 -8.12 -9.84 0.90
N ARG B 87 -7.67 -10.99 0.39
CA ARG B 87 -6.79 -11.05 -0.78
C ARG B 87 -7.41 -10.44 -2.06
N LYS B 88 -8.73 -10.32 -2.10
CA LYS B 88 -9.41 -9.69 -3.23
C LYS B 88 -9.11 -8.20 -3.36
N THR B 89 -8.46 -7.62 -2.34
CA THR B 89 -8.24 -6.17 -2.28
C THR B 89 -6.79 -5.73 -2.48
N ARG B 90 -6.59 -4.84 -3.45
CA ARG B 90 -5.29 -4.25 -3.75
C ARG B 90 -5.45 -2.79 -4.16
N HIS B 91 -5.67 -1.93 -3.17
CA HIS B 91 -5.91 -0.51 -3.42
C HIS B 91 -5.20 0.36 -2.40
N VAL B 92 -4.71 1.51 -2.88
CA VAL B 92 -3.98 2.49 -2.08
C VAL B 92 -4.79 2.99 -0.87
N ASN B 93 -6.11 3.08 -1.04
CA ASN B 93 -6.99 3.51 0.05
C ASN B 93 -7.53 2.38 0.95
N ILE B 94 -7.25 1.14 0.60
CA ILE B 94 -7.59 0.00 1.46
C ILE B 94 -6.34 -0.45 2.24
N LEU B 95 -6.49 -0.65 3.55
CA LEU B 95 -5.39 -1.14 4.39
C LEU B 95 -4.79 -2.38 3.77
N LEU B 96 -3.48 -2.32 3.50
CA LEU B 96 -2.80 -3.40 2.79
C LEU B 96 -2.77 -4.68 3.62
N PHE B 97 -3.52 -5.69 3.17
CA PHE B 97 -3.36 -7.04 3.70
C PHE B 97 -1.99 -7.56 3.28
N MET B 98 -1.23 -8.08 4.23
CA MET B 98 0.15 -8.53 3.94
C MET B 98 0.35 -10.04 4.02
N GLY B 99 -0.45 -10.70 4.87
CA GLY B 99 -0.36 -12.13 5.10
C GLY B 99 -1.13 -12.54 6.34
N TYR B 100 -1.17 -13.84 6.61
CA TYR B 100 -1.89 -14.35 7.77
C TYR B 100 -1.14 -15.47 8.45
N SER B 101 -1.31 -15.56 9.77
CA SER B 101 -0.71 -16.62 10.54
C SER B 101 -1.79 -17.58 11.01
N THR B 102 -1.42 -18.85 11.17
CA THR B 102 -2.25 -19.83 11.87
C THR B 102 -1.40 -20.54 12.90
N LYS B 103 -0.09 -20.34 12.80
CA LYS B 103 0.87 -21.20 13.50
C LYS B 103 0.96 -20.99 15.03
N PRO B 104 1.39 -19.79 15.50
CA PRO B 104 1.26 -19.59 16.95
C PRO B 104 -0.22 -19.41 17.34
N GLN B 105 -0.92 -18.56 16.57
CA GLN B 105 -2.34 -18.33 16.71
C GLN B 105 -2.89 -17.95 15.35
N LEU B 106 -4.21 -17.99 15.19
CA LEU B 106 -4.84 -17.39 14.01
C LEU B 106 -4.60 -15.90 14.08
N ALA B 107 -4.05 -15.33 13.02
CA ALA B 107 -3.71 -13.92 13.00
C ALA B 107 -3.88 -13.34 11.60
N ILE B 108 -4.05 -12.02 11.53
CA ILE B 108 -4.02 -11.31 10.26
C ILE B 108 -3.00 -10.19 10.34
N VAL B 109 -2.05 -10.21 9.41
CA VAL B 109 -0.97 -9.24 9.36
C VAL B 109 -1.24 -8.23 8.27
N THR B 110 -1.23 -6.97 8.64
CA THR B 110 -1.33 -5.90 7.67
C THR B 110 -0.14 -4.97 7.83
N GLN B 111 0.02 -4.03 6.90
CA GLN B 111 0.98 -2.95 7.04
C GLN B 111 0.75 -2.21 8.35
N TRP B 112 1.82 -1.62 8.90
CA TRP B 112 1.67 -0.72 10.03
C TRP B 112 1.47 0.71 9.55
N CYS B 113 0.35 1.31 9.93
CA CYS B 113 0.08 2.69 9.57
C CYS B 113 0.79 3.64 10.53
N GLU B 114 1.80 4.32 10.02
CA GLU B 114 2.45 5.34 10.81
C GLU B 114 1.53 6.56 10.84
N GLY B 115 0.99 6.84 12.02
CA GLY B 115 -0.05 7.86 12.19
C GLY B 115 -1.29 7.29 12.87
N SER B 116 -2.17 8.17 13.32
CA SER B 116 -3.36 7.77 14.08
C SER B 116 -4.56 7.47 13.16
N SER B 117 -5.66 7.02 13.77
CA SER B 117 -6.91 6.83 13.04
C SER B 117 -7.62 8.16 12.93
N LEU B 118 -8.70 8.21 12.13
CA LEU B 118 -9.47 9.43 11.98
C LEU B 118 -10.22 9.79 13.26
N TYR B 119 -10.72 8.76 13.96
CA TYR B 119 -11.39 8.93 15.25
C TYR B 119 -10.45 9.56 16.25
N HIS B 120 -9.26 8.99 16.37
CA HIS B 120 -8.22 9.50 17.27
C HIS B 120 -7.91 10.96 16.97
N HIS B 121 -7.86 11.29 15.68
CA HIS B 121 -7.59 12.65 15.24
C HIS B 121 -8.69 13.62 15.66
N LEU B 122 -9.92 13.31 15.27
CA LEU B 122 -11.06 14.20 15.48
C LEU B 122 -11.54 14.26 16.92
N HIS B 123 -11.43 13.15 17.63
CA HIS B 123 -12.09 13.02 18.92
C HIS B 123 -11.17 12.80 20.11
N ILE B 124 -9.88 12.58 19.87
CA ILE B 124 -8.96 12.42 20.98
C ILE B 124 -7.94 13.56 21.03
N ILE B 125 -7.05 13.62 20.04
CA ILE B 125 -6.05 14.70 20.00
C ILE B 125 -6.64 15.99 19.42
N GLU B 126 -7.89 15.93 18.97
CA GLU B 126 -8.63 17.09 18.48
C GLU B 126 -7.92 17.89 17.37
N THR B 127 -7.38 17.20 16.37
CA THR B 127 -6.70 17.85 15.25
C THR B 127 -7.68 18.71 14.47
N LYS B 128 -7.32 19.97 14.24
CA LYS B 128 -8.11 20.85 13.39
C LYS B 128 -7.53 20.86 11.98
N PHE B 129 -8.25 20.22 11.05
CA PHE B 129 -7.82 20.14 9.67
C PHE B 129 -8.28 21.34 8.87
N GLU B 130 -7.55 21.65 7.81
CA GLU B 130 -7.96 22.63 6.81
C GLU B 130 -9.19 22.09 6.06
N MET B 131 -10.01 22.99 5.51
CA MET B 131 -11.22 22.56 4.80
C MET B 131 -10.86 21.66 3.61
N ILE B 132 -9.79 22.03 2.91
CA ILE B 132 -9.29 21.24 1.78
C ILE B 132 -8.93 19.82 2.21
N LYS B 133 -8.24 19.68 3.34
CA LYS B 133 -7.76 18.38 3.81
C LYS B 133 -8.92 17.47 4.25
N LEU B 134 -9.96 18.07 4.84
CA LEU B 134 -11.15 17.34 5.28
C LEU B 134 -11.91 16.75 4.10
N ILE B 135 -12.17 17.58 3.09
CA ILE B 135 -12.82 17.16 1.85
C ILE B 135 -12.02 16.02 1.21
N ASP B 136 -10.70 16.15 1.25
CA ASP B 136 -9.80 15.11 0.76
C ASP B 136 -9.99 13.79 1.51
N ILE B 137 -9.97 13.85 2.85
CA ILE B 137 -10.17 12.65 3.66
C ILE B 137 -11.50 11.99 3.30
N ALA B 138 -12.53 12.80 3.11
CA ALA B 138 -13.84 12.33 2.65
C ALA B 138 -13.77 11.69 1.27
N ARG B 139 -13.04 12.34 0.35
CA ARG B 139 -12.87 11.84 -1.02
C ARG B 139 -12.18 10.47 -1.01
N GLN B 140 -11.10 10.38 -0.25
CA GLN B 140 -10.28 9.16 -0.19
C GLN B 140 -11.07 8.02 0.41
N THR B 141 -11.83 8.31 1.46
CA THR B 141 -12.69 7.33 2.09
C THR B 141 -13.73 6.86 1.06
N ALA B 142 -14.25 7.81 0.29
CA ALA B 142 -15.21 7.50 -0.75
C ALA B 142 -14.56 6.64 -1.84
N GLN B 143 -13.31 6.97 -2.17
CA GLN B 143 -12.56 6.22 -3.18
C GLN B 143 -12.36 4.77 -2.78
N GLY B 144 -11.86 4.56 -1.57
CA GLY B 144 -11.61 3.24 -1.03
C GLY B 144 -12.88 2.42 -0.92
N MET B 145 -13.96 3.08 -0.54
CA MET B 145 -15.27 2.46 -0.39
C MET B 145 -15.84 2.03 -1.74
N ASP B 146 -15.79 2.96 -2.70
CA ASP B 146 -16.16 2.68 -4.08
C ASP B 146 -15.47 1.40 -4.57
N TYR B 147 -14.15 1.34 -4.38
CA TYR B 147 -13.36 0.16 -4.71
C TYR B 147 -13.92 -1.09 -4.02
N LEU B 148 -14.05 -1.05 -2.70
CA LEU B 148 -14.60 -2.18 -1.94
C LEU B 148 -15.89 -2.71 -2.53
N HIS B 149 -16.72 -1.82 -3.05
CA HIS B 149 -18.02 -2.19 -3.62
C HIS B 149 -17.93 -2.79 -5.03
N ALA B 150 -16.99 -2.30 -5.84
CA ALA B 150 -16.73 -2.91 -7.14
C ALA B 150 -16.15 -4.31 -6.93
N LYS B 151 -15.47 -4.49 -5.81
CA LYS B 151 -14.93 -5.80 -5.43
C LYS B 151 -15.97 -6.58 -4.63
N SER B 152 -17.21 -6.08 -4.65
CA SER B 152 -18.35 -6.72 -4.01
C SER B 152 -18.08 -7.11 -2.56
N ILE B 153 -17.68 -6.11 -1.76
CA ILE B 153 -17.49 -6.28 -0.32
C ILE B 153 -18.22 -5.17 0.41
N ILE B 154 -19.18 -5.55 1.25
CA ILE B 154 -19.81 -4.60 2.15
C ILE B 154 -18.92 -4.52 3.39
N HIS B 155 -18.58 -3.30 3.78
CA HIS B 155 -17.70 -3.08 4.93
C HIS B 155 -18.36 -3.55 6.23
N ARG B 156 -19.63 -3.23 6.40
CA ARG B 156 -20.43 -3.59 7.57
C ARG B 156 -20.13 -2.78 8.83
N ASP B 157 -18.92 -2.21 8.90
CA ASP B 157 -18.48 -1.50 10.09
C ASP B 157 -17.63 -0.29 9.73
N LEU B 158 -18.14 0.55 8.83
CA LEU B 158 -17.44 1.77 8.49
C LEU B 158 -17.60 2.79 9.61
N LYS B 159 -16.48 3.23 10.16
CA LYS B 159 -16.43 4.33 11.13
C LYS B 159 -15.05 4.96 11.16
N SER B 160 -14.89 6.02 11.95
CA SER B 160 -13.66 6.80 11.95
C SER B 160 -12.48 6.10 12.64
N ASN B 161 -12.75 5.05 13.41
CA ASN B 161 -11.69 4.23 14.01
C ASN B 161 -11.08 3.29 12.98
N ASN B 162 -11.82 3.05 11.90
CA ASN B 162 -11.39 2.15 10.84
C ASN B 162 -10.81 2.88 9.65
N ILE B 163 -10.93 4.21 9.65
CA ILE B 163 -10.29 5.05 8.65
C ILE B 163 -8.98 5.53 9.25
N PHE B 164 -7.86 5.05 8.71
CA PHE B 164 -6.52 5.43 9.22
C PHE B 164 -5.84 6.44 8.31
N LEU B 165 -5.14 7.40 8.93
CA LEU B 165 -4.43 8.43 8.19
C LEU B 165 -2.92 8.15 8.15
N HIS B 166 -2.53 7.25 7.26
CA HIS B 166 -1.12 6.87 7.11
C HIS B 166 -0.30 8.06 6.61
N GLU B 167 0.83 8.31 7.28
CA GLU B 167 1.68 9.48 7.03
C GLU B 167 0.89 10.77 6.92
N ASP B 168 -0.31 10.76 7.51
CA ASP B 168 -1.25 11.89 7.58
C ASP B 168 -1.78 12.38 6.21
N LEU B 169 -1.56 11.60 5.16
CA LEU B 169 -2.04 11.97 3.83
C LEU B 169 -3.00 10.92 3.26
N THR B 170 -2.52 9.69 3.16
CA THR B 170 -3.28 8.59 2.61
C THR B 170 -4.27 8.04 3.64
N VAL B 171 -5.50 7.79 3.18
CA VAL B 171 -6.52 7.16 4.01
C VAL B 171 -6.50 5.65 3.76
N LYS B 172 -6.38 4.88 4.82
CA LYS B 172 -6.38 3.42 4.72
C LYS B 172 -7.58 2.81 5.46
N ILE B 173 -8.65 2.53 4.72
CA ILE B 173 -9.84 1.88 5.28
C ILE B 173 -9.51 0.45 5.66
N GLY B 174 -9.86 0.08 6.88
CA GLY B 174 -9.53 -1.25 7.40
C GLY B 174 -10.60 -1.85 8.28
N ASP B 175 -10.30 -3.05 8.80
CA ASP B 175 -11.17 -3.78 9.71
C ASP B 175 -12.56 -4.05 9.15
N PHE B 176 -12.61 -4.50 7.90
CA PHE B 176 -13.85 -4.96 7.26
C PHE B 176 -13.85 -6.47 7.10
N GLY B 177 -12.68 -7.08 7.27
CA GLY B 177 -12.53 -8.52 7.14
C GLY B 177 -13.28 -9.32 8.19
N LEU B 178 -13.31 -10.63 8.00
CA LEU B 178 -14.02 -11.56 8.89
C LEU B 178 -15.51 -11.25 8.88
N ALA B 179 -16.04 -10.78 10.01
CA ALA B 179 -17.46 -10.43 10.15
C ALA B 179 -18.40 -11.64 10.07
N THR B 180 -18.26 -12.45 9.02
CA THR B 180 -19.03 -13.69 8.89
C THR B 180 -18.37 -14.84 9.65
N VAL B 181 -17.11 -14.65 10.01
CA VAL B 181 -16.46 -15.51 11.02
C VAL B 181 -16.89 -15.06 12.41
N LYS B 182 -17.09 -13.74 12.56
CA LYS B 182 -17.57 -13.13 13.80
C LYS B 182 -19.03 -13.47 14.08
N SER B 183 -19.82 -13.59 13.01
CA SER B 183 -21.25 -13.96 13.07
C SER B 183 -21.46 -15.29 13.77
N ARG B 184 -20.52 -16.21 13.58
CA ARG B 184 -20.72 -17.61 13.96
C ARG B 184 -20.07 -17.99 15.30
N TRP B 185 -18.83 -17.58 15.54
CA TRP B 185 -18.11 -17.97 16.75
C TRP B 185 -18.61 -17.25 17.99
N SER B 186 -18.66 -17.97 19.10
CA SER B 186 -19.22 -17.46 20.35
C SER B 186 -18.30 -16.45 21.05
N GLY B 187 -18.89 -15.68 21.95
CA GLY B 187 -18.18 -14.62 22.67
C GLY B 187 -19.01 -13.34 22.70
N SER B 188 -18.63 -12.41 23.58
CA SER B 188 -19.34 -11.14 23.70
C SER B 188 -19.02 -10.16 22.56
N HIS B 189 -18.13 -10.58 21.65
CA HIS B 189 -17.63 -9.71 20.59
C HIS B 189 -18.72 -9.12 19.69
N GLN B 190 -19.60 -9.96 19.15
CA GLN B 190 -20.68 -9.47 18.30
C GLN B 190 -21.85 -8.88 19.11
N PHE B 191 -21.52 -8.38 20.30
CA PHE B 191 -22.43 -7.53 21.07
C PHE B 191 -21.72 -6.22 21.39
N GLU B 192 -20.50 -6.31 21.91
CA GLU B 192 -19.72 -5.12 22.21
C GLU B 192 -19.29 -4.38 20.94
N GLN B 193 -19.23 -5.09 19.83
CA GLN B 193 -18.93 -4.50 18.53
C GLN B 193 -20.12 -3.68 18.04
N LEU B 194 -21.31 -4.27 18.10
CA LEU B 194 -22.54 -3.57 17.76
C LEU B 194 -22.74 -2.34 18.64
N SER B 195 -22.52 -2.51 19.94
CA SER B 195 -22.60 -1.42 20.90
C SER B 195 -21.60 -0.30 20.59
N GLY B 196 -20.48 -0.66 19.98
CA GLY B 196 -19.44 0.31 19.63
C GLY B 196 -19.61 0.93 18.26
N SER B 197 -20.78 0.75 17.66
CA SER B 197 -21.00 1.17 16.27
C SER B 197 -22.38 1.78 16.01
N ILE B 198 -23.17 1.97 17.07
CA ILE B 198 -24.57 2.38 16.91
C ILE B 198 -24.74 3.74 16.22
N LEU B 199 -23.77 4.63 16.40
CA LEU B 199 -23.80 5.98 15.83
C LEU B 199 -23.73 5.99 14.30
N TRP B 200 -23.02 5.01 13.75
CA TRP B 200 -22.88 4.86 12.29
C TRP B 200 -23.89 3.86 11.72
N MET B 201 -24.60 3.16 12.60
CA MET B 201 -25.65 2.24 12.18
C MET B 201 -26.82 3.00 11.54
N ALA B 202 -27.17 2.60 10.33
CA ALA B 202 -28.32 3.13 9.62
C ALA B 202 -29.61 2.68 10.28
N PRO B 203 -30.73 3.41 10.04
CA PRO B 203 -32.04 3.01 10.57
C PRO B 203 -32.37 1.53 10.33
N GLU B 204 -32.33 1.08 9.07
CA GLU B 204 -32.71 -0.28 8.69
C GLU B 204 -31.86 -1.35 9.37
N VAL B 205 -30.68 -0.93 9.86
CA VAL B 205 -29.73 -1.80 10.55
C VAL B 205 -30.08 -1.90 12.03
N ILE B 206 -30.34 -0.75 12.66
CA ILE B 206 -30.69 -0.68 14.08
C ILE B 206 -31.87 -1.58 14.40
N ARG B 207 -32.98 -1.40 13.67
CA ARG B 207 -34.14 -2.29 13.78
C ARG B 207 -33.85 -3.57 13.01
N MET B 208 -33.73 -4.67 13.73
CA MET B 208 -33.36 -5.95 13.12
C MET B 208 -34.52 -6.55 12.32
N GLN B 209 -34.80 -5.93 11.18
CA GLN B 209 -35.91 -6.34 10.30
C GLN B 209 -35.76 -7.77 9.79
N ASP B 210 -34.54 -8.16 9.41
CA ASP B 210 -34.24 -9.55 9.04
C ASP B 210 -32.85 -9.97 9.55
N LYS B 211 -32.34 -11.08 9.02
CA LYS B 211 -31.03 -11.60 9.44
C LYS B 211 -29.85 -10.91 8.73
N ASN B 212 -30.11 -10.30 7.58
CA ASN B 212 -29.10 -9.52 6.86
C ASN B 212 -29.62 -8.20 6.30
N PRO B 213 -29.54 -7.12 7.11
CA PRO B 213 -29.99 -5.77 6.72
C PRO B 213 -28.88 -4.91 6.11
N TYR B 214 -27.69 -5.50 5.96
CA TYR B 214 -26.49 -4.80 5.54
C TYR B 214 -26.37 -4.68 4.03
N SER B 215 -26.36 -3.45 3.55
CA SER B 215 -26.34 -3.18 2.10
C SER B 215 -25.19 -2.23 1.74
N PHE B 216 -25.09 -1.94 0.45
CA PHE B 216 -24.18 -0.91 -0.04
C PHE B 216 -24.58 0.43 0.56
N GLN B 217 -25.89 0.63 0.69
CA GLN B 217 -26.45 1.88 1.21
C GLN B 217 -26.28 2.03 2.73
N SER B 218 -26.25 0.90 3.44
CA SER B 218 -25.96 0.90 4.87
C SER B 218 -24.53 1.44 5.10
N ASP B 219 -23.62 1.05 4.20
CA ASP B 219 -22.26 1.58 4.19
C ASP B 219 -22.28 3.07 3.87
N VAL B 220 -23.19 3.49 2.99
CA VAL B 220 -23.30 4.91 2.61
C VAL B 220 -23.79 5.77 3.78
N TYR B 221 -24.70 5.23 4.60
CA TYR B 221 -25.14 5.93 5.80
C TYR B 221 -23.95 6.11 6.77
N ALA B 222 -23.23 5.02 7.03
CA ALA B 222 -22.05 5.05 7.91
C ALA B 222 -21.01 6.06 7.41
N PHE B 223 -20.87 6.15 6.10
CA PHE B 223 -20.06 7.16 5.45
C PHE B 223 -20.64 8.56 5.71
N GLY B 224 -21.97 8.65 5.68
CA GLY B 224 -22.67 9.90 5.96
C GLY B 224 -22.35 10.44 7.33
N ILE B 225 -22.15 9.51 8.28
CA ILE B 225 -21.78 9.88 9.65
C ILE B 225 -20.33 10.35 9.72
N VAL B 226 -19.40 9.67 9.05
CA VAL B 226 -18.01 10.15 9.06
C VAL B 226 -17.89 11.47 8.30
N LEU B 227 -18.77 11.67 7.31
CA LEU B 227 -18.89 12.96 6.63
C LEU B 227 -19.32 14.01 7.64
N TYR B 228 -20.31 13.64 8.45
CA TYR B 228 -20.78 14.50 9.53
C TYR B 228 -19.64 14.77 10.50
N GLU B 229 -18.87 13.73 10.85
CA GLU B 229 -17.74 13.86 11.76
C GLU B 229 -16.71 14.86 11.26
N LEU B 230 -16.36 14.75 9.99
CA LEU B 230 -15.35 15.62 9.39
C LEU B 230 -15.80 17.08 9.34
N MET B 231 -17.08 17.29 9.08
CA MET B 231 -17.60 18.64 8.91
C MET B 231 -18.02 19.30 10.23
N THR B 232 -18.09 18.52 11.30
CA THR B 232 -18.49 19.05 12.61
C THR B 232 -17.50 18.74 13.72
N GLY B 233 -16.42 18.05 13.38
CA GLY B 233 -15.40 17.66 14.35
C GLY B 233 -15.94 16.93 15.57
N GLN B 234 -17.20 16.50 15.47
CA GLN B 234 -17.92 15.91 16.60
C GLN B 234 -18.69 14.66 16.21
N LEU B 235 -18.97 13.80 17.18
CA LEU B 235 -19.83 12.65 16.97
C LEU B 235 -21.30 13.06 17.08
N PRO B 236 -22.19 12.40 16.32
CA PRO B 236 -23.60 12.79 16.35
C PRO B 236 -24.28 12.47 17.68
N TYR B 237 -25.36 13.19 17.95
CA TYR B 237 -26.21 13.01 19.13
C TYR B 237 -25.43 13.05 20.45
N SER B 238 -24.42 13.91 20.50
CA SER B 238 -23.53 14.03 21.66
C SER B 238 -24.18 14.70 22.86
N ASN B 239 -25.41 15.19 22.69
CA ASN B 239 -26.16 15.84 23.76
C ASN B 239 -27.19 14.91 24.42
N ILE B 240 -27.25 13.67 23.95
CA ILE B 240 -28.08 12.65 24.58
C ILE B 240 -27.15 11.63 25.21
N ASN B 241 -27.29 11.43 26.53
CA ASN B 241 -26.38 10.56 27.28
C ASN B 241 -26.92 9.16 27.54
N ASN B 242 -27.93 8.76 26.78
CA ASN B 242 -28.57 7.45 26.98
C ASN B 242 -28.44 6.55 25.75
N ARG B 243 -27.53 5.57 25.84
CA ARG B 243 -27.28 4.62 24.75
C ARG B 243 -28.56 4.07 24.14
N ASP B 244 -29.44 3.56 25.00
CA ASP B 244 -30.65 2.83 24.59
C ASP B 244 -31.62 3.70 23.80
N GLN B 245 -31.78 4.94 24.25
CA GLN B 245 -32.69 5.89 23.62
C GLN B 245 -32.24 6.19 22.18
N ILE B 246 -30.93 6.48 22.01
CA ILE B 246 -30.36 6.67 20.68
C ILE B 246 -30.86 5.53 19.79
N ILE B 247 -30.53 4.30 20.18
CA ILE B 247 -30.93 3.09 19.47
C ILE B 247 -32.40 3.15 19.09
N PHE B 248 -33.26 3.35 20.10
CA PHE B 248 -34.70 3.44 19.89
C PHE B 248 -35.04 4.52 18.85
N MET B 249 -34.61 5.74 19.11
CA MET B 249 -35.02 6.91 18.33
C MET B 249 -34.48 6.92 16.91
N VAL B 250 -33.25 6.45 16.73
CA VAL B 250 -32.64 6.35 15.41
C VAL B 250 -33.43 5.35 14.56
N GLY B 251 -33.71 4.20 15.16
CA GLY B 251 -34.46 3.13 14.51
C GLY B 251 -35.86 3.57 14.13
N ARG B 252 -36.54 4.24 15.04
CA ARG B 252 -37.90 4.70 14.81
C ARG B 252 -37.96 5.90 13.87
N GLY B 253 -36.82 6.56 13.64
CA GLY B 253 -36.75 7.72 12.76
C GLY B 253 -37.09 9.04 13.43
N TYR B 254 -37.27 8.99 14.74
CA TYR B 254 -37.51 10.18 15.56
C TYR B 254 -36.27 11.07 15.66
N LEU B 255 -35.10 10.49 15.42
CA LEU B 255 -33.82 11.16 15.65
C LEU B 255 -32.81 10.92 14.53
N SER B 256 -32.14 12.00 14.13
CA SER B 256 -31.12 11.98 13.07
C SER B 256 -30.12 13.12 13.29
N PRO B 257 -28.88 12.97 12.77
CA PRO B 257 -27.81 13.95 13.03
C PRO B 257 -28.21 15.40 12.77
N ASP B 258 -27.80 16.29 13.67
CA ASP B 258 -28.15 17.70 13.61
C ASP B 258 -27.28 18.41 12.55
N LEU B 259 -27.84 18.56 11.36
CA LEU B 259 -27.07 19.00 10.19
C LEU B 259 -26.73 20.49 10.13
N SER B 260 -27.33 21.30 11.02
CA SER B 260 -26.98 22.72 11.11
C SER B 260 -25.66 22.96 11.84
N LYS B 261 -25.07 21.89 12.38
CA LYS B 261 -23.82 21.95 13.13
C LYS B 261 -22.56 22.18 12.29
N VAL B 262 -22.71 22.17 10.96
CA VAL B 262 -21.57 22.29 10.03
C VAL B 262 -20.86 23.63 10.17
N ARG B 263 -19.54 23.60 10.23
CA ARG B 263 -18.72 24.81 10.33
C ARG B 263 -18.96 25.75 9.15
N SER B 264 -19.11 27.04 9.46
CA SER B 264 -19.61 28.05 8.51
C SER B 264 -18.89 28.14 7.16
N ASN B 265 -17.67 27.61 7.08
CA ASN B 265 -16.89 27.62 5.83
C ASN B 265 -17.10 26.39 4.93
N CYS B 266 -17.85 25.41 5.44
CA CYS B 266 -18.20 24.20 4.68
C CYS B 266 -19.13 24.55 3.51
N PRO B 267 -18.74 24.15 2.28
CA PRO B 267 -19.58 24.43 1.10
C PRO B 267 -20.96 23.81 1.28
N LYS B 268 -22.00 24.56 0.94
CA LYS B 268 -23.38 24.12 1.20
C LYS B 268 -23.80 22.93 0.34
N ALA B 269 -22.93 22.53 -0.59
CA ALA B 269 -23.12 21.31 -1.38
C ALA B 269 -22.81 20.08 -0.53
N MET B 270 -21.74 20.17 0.26
CA MET B 270 -21.32 19.11 1.17
C MET B 270 -22.42 18.78 2.18
N LYS B 271 -23.02 19.82 2.73
CA LYS B 271 -24.12 19.69 3.68
C LYS B 271 -25.32 18.96 3.05
N ARG B 272 -25.48 19.10 1.74
CA ARG B 272 -26.58 18.47 1.00
C ARG B 272 -26.25 17.02 0.61
N LEU B 273 -24.98 16.78 0.28
CA LEU B 273 -24.48 15.43 0.02
C LEU B 273 -24.49 14.60 1.30
N MET B 274 -24.27 15.29 2.42
CA MET B 274 -24.38 14.69 3.73
C MET B 274 -25.80 14.20 3.94
N ALA B 275 -26.77 15.09 3.70
CA ALA B 275 -28.20 14.79 3.82
C ALA B 275 -28.64 13.69 2.85
N GLU B 276 -28.08 13.74 1.64
CA GLU B 276 -28.27 12.69 0.64
C GLU B 276 -27.77 11.35 1.14
N CYS B 277 -26.56 11.34 1.72
CA CYS B 277 -25.94 10.12 2.24
C CYS B 277 -26.67 9.56 3.44
N LEU B 278 -27.36 10.44 4.17
CA LEU B 278 -27.97 10.09 5.43
C LEU B 278 -29.48 9.79 5.37
N LYS B 279 -30.06 9.78 4.17
CA LYS B 279 -31.49 9.52 4.02
C LYS B 279 -31.95 8.32 4.83
N LYS B 280 -33.04 8.50 5.58
CA LYS B 280 -33.60 7.44 6.41
C LYS B 280 -34.11 6.31 5.54
N LYS B 281 -34.86 6.66 4.49
CA LYS B 281 -35.32 5.69 3.50
C LYS B 281 -34.16 5.20 2.66
N ARG B 282 -33.72 3.97 2.95
CA ARG B 282 -32.56 3.32 2.33
C ARG B 282 -32.45 3.47 0.79
N ASP B 283 -33.59 3.44 0.11
CA ASP B 283 -33.66 3.53 -1.35
C ASP B 283 -33.19 4.87 -1.90
N GLU B 284 -33.25 5.91 -1.06
CA GLU B 284 -32.95 7.28 -1.49
C GLU B 284 -31.45 7.62 -1.45
N ARG B 285 -30.65 6.72 -0.89
CA ARG B 285 -29.21 6.93 -0.73
C ARG B 285 -28.43 6.68 -2.02
N PRO B 286 -27.51 7.60 -2.35
CA PRO B 286 -26.63 7.39 -3.51
C PRO B 286 -25.56 6.33 -3.25
N LEU B 287 -25.02 5.77 -4.33
CA LEU B 287 -23.87 4.86 -4.24
C LEU B 287 -22.57 5.61 -4.50
N PHE B 288 -21.47 5.01 -4.05
CA PHE B 288 -20.17 5.69 -4.08
C PHE B 288 -19.72 6.24 -5.43
N PRO B 289 -19.84 5.44 -6.53
CA PRO B 289 -19.55 6.03 -7.84
C PRO B 289 -20.10 7.45 -7.96
N GLN B 290 -21.37 7.64 -7.60
CA GLN B 290 -22.02 8.94 -7.69
C GLN B 290 -21.57 9.90 -6.58
N ILE B 291 -21.37 9.38 -5.37
CA ILE B 291 -20.88 10.18 -4.24
C ILE B 291 -19.52 10.79 -4.58
N LEU B 292 -18.64 9.93 -5.08
CA LEU B 292 -17.28 10.28 -5.47
C LEU B 292 -17.28 11.43 -6.48
N ALA B 293 -18.23 11.40 -7.40
CA ALA B 293 -18.40 12.46 -8.40
C ALA B 293 -18.69 13.80 -7.74
N SER B 294 -19.63 13.81 -6.80
CA SER B 294 -20.02 15.03 -6.07
C SER B 294 -18.85 15.62 -5.29
N ILE B 295 -18.10 14.75 -4.60
CA ILE B 295 -16.96 15.20 -3.81
C ILE B 295 -15.89 15.79 -4.73
N GLU B 296 -15.59 15.11 -5.83
CA GLU B 296 -14.61 15.60 -6.82
C GLU B 296 -15.08 16.88 -7.49
N LEU B 297 -16.39 17.07 -7.55
CA LEU B 297 -16.99 18.28 -8.11
C LEU B 297 -16.76 19.48 -7.18
N LEU B 298 -17.12 19.32 -5.91
CA LEU B 298 -16.94 20.38 -4.93
C LEU B 298 -15.48 20.53 -4.48
N ALA B 299 -14.62 19.65 -4.99
CA ALA B 299 -13.18 19.75 -4.76
C ALA B 299 -12.59 20.92 -5.53
N ARG B 300 -12.92 21.00 -6.81
CA ARG B 300 -12.38 22.01 -7.72
C ARG B 300 -13.08 23.36 -7.55
N SER B 301 -13.50 23.67 -6.32
CA SER B 301 -14.28 24.89 -6.05
C SER B 301 -13.72 25.72 -4.88
N LEU B 302 -13.90 25.24 -3.64
CA LEU B 302 -13.37 25.92 -2.45
C LEU B 302 -13.06 24.89 -1.36
#